data_7WL4
#
_entry.id   7WL4
#
_cell.length_a   59.858
_cell.length_b   42.484
_cell.length_c   107.309
_cell.angle_alpha   90.000
_cell.angle_beta   90.000
_cell.angle_gamma   90.000
#
_symmetry.space_group_name_H-M   'P 1 21 1'
#
loop_
_entity.id
_entity.type
_entity.pdbx_description
1 polymer 'Bromodomain-containing protein 4'
2 non-polymer ~{N}-[2-ethyl-6-(4-methylpiperazin-1-yl)-3-oxidanylidene-2,7-diazatricyclo[6.3.1.0^{4,12}]dodeca-1(12),4,6,8,10-pentaen-9-yl]-2,4-bis(fluoranyl)benzenesulfonamide
3 water water
#
_entity_poly.entity_id   1
_entity_poly.type   'polypeptide(L)'
_entity_poly.pdbx_seq_one_letter_code
;MKKGHHHHHHLVPRGSNPPPPETSNPNKPKRQTNQLQYLLRVVLKTLWKHQFAWPFQQPVDAVKLNLPDYYKIIKTPMDM
GTIKKRLENNYYWNAQECIQDFNTMFTNCYIYNKPGDDIVLMAEALEKLFLQKINELPTEE
;
_entity_poly.pdbx_strand_id   A,B,C,D
#
loop_
_chem_comp.id
_chem_comp.type
_chem_comp.name
_chem_comp.formula
JFU non-polymer ~{N}-[2-ethyl-6-(4-methylpiperazin-1-yl)-3-oxidanylidene-2,7-diazatricyclo[6.3.1.0^{4,12}]dodeca-1(12),4,6,8,10-pentaen-9-yl]-2,4-bis(fluoranyl)benzenesulfonamide 'C23 H23 F2 N5 O3 S'
#
# COMPACT_ATOMS: atom_id res chain seq x y z
N VAL A 12 -3.10 -18.73 10.12
CA VAL A 12 -2.43 -19.18 8.85
C VAL A 12 -2.12 -20.70 8.94
N PRO A 13 -2.96 -21.56 8.30
CA PRO A 13 -2.88 -23.02 8.48
C PRO A 13 -1.51 -23.66 8.14
N ARG A 14 -1.04 -24.56 9.00
CA ARG A 14 0.21 -25.30 8.74
C ARG A 14 0.05 -26.20 7.52
N GLY A 15 1.10 -26.24 6.69
CA GLY A 15 1.07 -26.96 5.42
C GLY A 15 0.72 -26.03 4.29
N SER A 16 0.48 -24.76 4.62
CA SER A 16 0.06 -23.77 3.61
C SER A 16 1.17 -23.45 2.62
N ASN A 17 2.43 -23.49 3.07
CA ASN A 17 3.55 -23.28 2.13
C ASN A 17 3.77 -24.52 1.28
N PRO A 18 3.88 -24.37 -0.04
CA PRO A 18 4.34 -25.50 -0.84
C PRO A 18 5.83 -25.68 -0.61
N PRO A 19 6.40 -26.81 -1.06
CA PRO A 19 7.84 -26.88 -1.17
C PRO A 19 8.36 -25.82 -2.14
N PRO A 20 9.61 -25.39 -1.97
CA PRO A 20 10.14 -24.39 -2.91
C PRO A 20 10.29 -24.96 -4.29
N PRO A 21 10.43 -24.09 -5.31
CA PRO A 21 10.63 -24.68 -6.63
C PRO A 21 11.87 -25.55 -6.74
N GLU A 22 11.84 -26.46 -7.70
CA GLU A 22 12.97 -27.34 -7.99
C GLU A 22 14.14 -26.49 -8.47
N THR A 23 15.35 -26.82 -7.99
CA THR A 23 16.56 -26.07 -8.33
C THR A 23 17.71 -26.93 -8.87
N SER A 24 17.57 -28.26 -8.82
CA SER A 24 18.62 -29.19 -9.23
C SER A 24 17.93 -30.41 -9.81
N ASN A 25 18.24 -30.72 -11.07
CA ASN A 25 17.76 -31.93 -11.69
C ASN A 25 18.95 -32.61 -12.38
N PRO A 26 19.51 -33.69 -11.77
CA PRO A 26 20.68 -34.32 -12.39
C PRO A 26 20.42 -34.97 -13.75
N ASN A 27 19.14 -35.17 -14.10
CA ASN A 27 18.73 -35.71 -15.40
C ASN A 27 18.91 -34.67 -16.53
N LYS A 28 18.83 -33.39 -16.22
CA LYS A 28 18.95 -32.35 -17.23
C LYS A 28 20.42 -32.15 -17.65
N PRO A 29 20.67 -32.01 -18.97
CA PRO A 29 22.04 -31.80 -19.42
C PRO A 29 22.50 -30.41 -18.99
N LYS A 30 23.82 -30.24 -18.94
CA LYS A 30 24.41 -29.06 -18.38
C LYS A 30 25.41 -28.46 -19.37
N ARG A 31 25.40 -27.15 -19.51
CA ARG A 31 26.47 -26.43 -20.21
C ARG A 31 26.72 -25.07 -19.59
N GLN A 32 27.96 -24.59 -19.71
CA GLN A 32 28.35 -23.27 -19.25
C GLN A 32 28.41 -22.36 -20.47
N THR A 33 27.77 -21.20 -20.34
CA THR A 33 27.50 -20.29 -21.46
C THR A 33 27.87 -18.89 -20.98
N ASN A 34 28.43 -18.05 -21.86
CA ASN A 34 28.77 -16.67 -21.44
C ASN A 34 27.50 -15.92 -20.95
N GLN A 35 26.37 -16.17 -21.61
CA GLN A 35 25.09 -15.59 -21.23
C GLN A 35 24.58 -16.04 -19.84
N LEU A 36 24.64 -17.33 -19.57
CA LEU A 36 24.24 -17.84 -18.25
C LEU A 36 25.20 -17.34 -17.17
N GLN A 37 26.49 -17.30 -17.51
CA GLN A 37 27.46 -16.69 -16.62
C GLN A 37 27.17 -15.24 -16.31
N TYR A 38 26.78 -14.46 -17.32
CA TYR A 38 26.42 -13.06 -17.14
C TYR A 38 25.18 -12.93 -16.25
N LEU A 39 24.20 -13.79 -16.48
CA LEU A 39 22.97 -13.76 -15.67
C LEU A 39 23.29 -13.95 -14.20
N LEU A 40 24.23 -14.84 -13.89
CA LEU A 40 24.58 -15.09 -12.48
C LEU A 40 25.50 -14.03 -11.90
N ARG A 41 26.62 -13.79 -12.57
CA ARG A 41 27.65 -12.91 -12.04
C ARG A 41 27.32 -11.41 -12.09
N VAL A 42 26.49 -11.00 -13.03
CA VAL A 42 26.15 -9.58 -13.18
C VAL A 42 24.69 -9.30 -12.81
N VAL A 43 23.76 -9.98 -13.48
CA VAL A 43 22.34 -9.65 -13.38
C VAL A 43 21.81 -9.99 -11.98
N LEU A 44 21.87 -11.26 -11.59
CA LEU A 44 21.44 -11.65 -10.26
C LEU A 44 22.17 -10.84 -9.16
N LYS A 45 23.49 -10.71 -9.26
CA LYS A 45 24.26 -9.92 -8.30
C LYS A 45 23.71 -8.51 -8.14
N THR A 46 23.49 -7.82 -9.26
CA THR A 46 23.02 -6.45 -9.21
C THR A 46 21.62 -6.32 -8.55
N LEU A 47 20.71 -7.20 -8.93
CA LEU A 47 19.36 -7.16 -8.37
C LEU A 47 19.35 -7.56 -6.92
N TRP A 48 20.22 -8.50 -6.55
CA TRP A 48 20.28 -9.01 -5.18
C TRP A 48 20.59 -7.88 -4.22
N LYS A 49 21.48 -6.99 -4.65
CA LYS A 49 22.00 -5.95 -3.81
C LYS A 49 21.11 -4.69 -3.81
N HIS A 50 20.05 -4.66 -4.60
CA HIS A 50 19.20 -3.48 -4.70
C HIS A 50 18.48 -3.23 -3.41
N GLN A 51 18.23 -1.95 -3.12
CA GLN A 51 17.55 -1.55 -1.89
C GLN A 51 16.15 -2.17 -1.70
N PHE A 52 15.52 -2.55 -2.80
CA PHE A 52 14.16 -3.15 -2.76
C PHE A 52 14.19 -4.69 -2.90
N ALA A 53 15.37 -5.33 -2.85
CA ALA A 53 15.47 -6.76 -3.18
C ALA A 53 14.90 -7.64 -2.07
N TRP A 54 14.92 -7.21 -0.81
CA TRP A 54 14.70 -8.19 0.29
C TRP A 54 13.44 -9.12 0.14
N PRO A 55 12.25 -8.58 -0.17
CA PRO A 55 11.05 -9.40 -0.33
C PRO A 55 11.11 -10.44 -1.46
N PHE A 56 12.00 -10.23 -2.43
CA PHE A 56 12.15 -11.07 -3.62
C PHE A 56 13.28 -12.10 -3.50
N GLN A 57 13.96 -12.17 -2.35
CA GLN A 57 15.14 -13.01 -2.21
C GLN A 57 14.88 -14.49 -1.80
N GLN A 58 13.67 -14.81 -1.39
CA GLN A 58 13.31 -16.16 -1.01
C GLN A 58 11.86 -16.41 -1.35
N PRO A 59 11.45 -17.68 -1.41
CA PRO A 59 10.05 -17.99 -1.67
C PRO A 59 9.15 -17.28 -0.67
N VAL A 60 7.97 -16.88 -1.15
CA VAL A 60 7.00 -16.24 -0.30
C VAL A 60 6.61 -17.25 0.76
N ASP A 61 6.80 -16.85 2.00
CA ASP A 61 6.40 -17.66 3.15
C ASP A 61 5.06 -17.12 3.59
N ALA A 62 4.02 -17.78 3.12
CA ALA A 62 2.65 -17.35 3.32
C ALA A 62 2.22 -17.35 4.78
N VAL A 63 2.78 -18.27 5.55
CA VAL A 63 2.50 -18.40 7.00
C VAL A 63 3.12 -17.25 7.81
N LYS A 64 4.43 -17.10 7.69
CA LYS A 64 5.17 -16.09 8.45
C LYS A 64 4.81 -14.65 8.04
N LEU A 65 4.46 -14.45 6.77
CA LEU A 65 4.13 -13.12 6.23
C LEU A 65 2.64 -12.84 6.25
N ASN A 66 1.86 -13.80 6.72
CA ASN A 66 0.41 -13.66 6.86
C ASN A 66 -0.23 -13.33 5.52
N LEU A 67 0.00 -14.22 4.54
CA LEU A 67 -0.58 -14.09 3.20
C LEU A 67 -1.33 -15.37 2.88
N PRO A 68 -2.45 -15.62 3.58
CA PRO A 68 -3.07 -16.96 3.48
C PRO A 68 -3.59 -17.39 2.11
N ASP A 69 -3.90 -16.44 1.21
CA ASP A 69 -4.38 -16.79 -0.12
C ASP A 69 -3.29 -16.75 -1.21
N TYR A 70 -2.03 -16.53 -0.83
CA TYR A 70 -0.99 -16.34 -1.86
C TYR A 70 -0.97 -17.51 -2.86
N TYR A 71 -0.83 -18.71 -2.33
CA TYR A 71 -0.69 -19.91 -3.17
C TYR A 71 -2.03 -20.46 -3.65
N LYS A 72 -3.13 -19.86 -3.21
CA LYS A 72 -4.43 -20.04 -3.88
C LYS A 72 -4.51 -19.28 -5.18
N ILE A 73 -3.78 -18.16 -5.27
CA ILE A 73 -3.76 -17.29 -6.44
C ILE A 73 -2.56 -17.54 -7.34
N ILE A 74 -1.37 -17.74 -6.75
CA ILE A 74 -0.14 -17.83 -7.50
C ILE A 74 0.28 -19.29 -7.56
N LYS A 75 0.14 -19.87 -8.75
CA LYS A 75 0.50 -21.28 -8.99
C LYS A 75 1.87 -21.49 -9.65
N THR A 76 2.55 -20.42 -10.08
CA THR A 76 3.92 -20.52 -10.58
C THR A 76 4.82 -19.57 -9.79
N PRO A 77 5.01 -19.86 -8.49
CA PRO A 77 5.83 -18.97 -7.70
C PRO A 77 7.28 -18.96 -8.18
N MET A 78 7.94 -17.82 -8.01
CA MET A 78 9.35 -17.71 -8.37
C MET A 78 9.96 -16.57 -7.57
N ASP A 79 11.23 -16.73 -7.24
CA ASP A 79 11.95 -15.76 -6.43
C ASP A 79 13.44 -15.82 -6.81
N MET A 80 14.18 -14.82 -6.40
CA MET A 80 15.60 -14.71 -6.81
C MET A 80 16.50 -15.74 -6.10
N GLY A 81 16.08 -16.22 -4.93
CA GLY A 81 16.85 -17.30 -4.27
C GLY A 81 16.85 -18.59 -5.09
N THR A 82 15.68 -18.94 -5.60
CA THR A 82 15.47 -20.05 -6.53
C THR A 82 16.29 -19.88 -7.81
N ILE A 83 16.25 -18.68 -8.36
CA ILE A 83 16.98 -18.40 -9.60
C ILE A 83 18.49 -18.56 -9.41
N LYS A 84 19.03 -17.97 -8.36
CA LYS A 84 20.42 -18.15 -7.95
C LYS A 84 20.80 -19.63 -7.93
N LYS A 85 20.02 -20.44 -7.20
CA LYS A 85 20.28 -21.87 -7.12
C LYS A 85 20.18 -22.58 -8.47
N ARG A 86 19.19 -22.19 -9.27
CA ARG A 86 19.05 -22.77 -10.61
C ARG A 86 20.28 -22.47 -11.48
N LEU A 87 20.77 -21.24 -11.47
CA LEU A 87 22.00 -20.89 -12.21
C LEU A 87 23.21 -21.67 -11.71
N GLU A 88 23.39 -21.74 -10.40
CA GLU A 88 24.47 -22.49 -9.75
C GLU A 88 24.52 -23.96 -10.04
N ASN A 89 23.34 -24.57 -10.17
CA ASN A 89 23.20 -25.98 -10.44
C ASN A 89 23.06 -26.30 -11.93
N ASN A 90 23.31 -25.32 -12.80
CA ASN A 90 23.21 -25.52 -14.23
C ASN A 90 21.85 -26.07 -14.64
N TYR A 91 20.80 -25.53 -14.03
CA TYR A 91 19.45 -25.99 -14.28
C TYR A 91 18.95 -25.54 -15.63
N TYR A 92 19.40 -24.37 -16.06
CA TYR A 92 18.99 -23.77 -17.30
C TYR A 92 19.96 -24.18 -18.43
N TRP A 93 19.41 -24.61 -19.54
CA TRP A 93 20.19 -24.83 -20.76
C TRP A 93 20.39 -23.53 -21.52
N ASN A 94 19.42 -22.63 -21.50
CA ASN A 94 19.63 -21.33 -22.14
C ASN A 94 19.19 -20.14 -21.28
N ALA A 95 19.77 -19.00 -21.62
CA ALA A 95 19.50 -17.72 -20.96
C ALA A 95 18.02 -17.38 -20.91
N GLN A 96 17.29 -17.69 -21.99
CA GLN A 96 15.87 -17.36 -22.06
C GLN A 96 15.03 -18.04 -20.95
N GLU A 97 15.39 -19.27 -20.59
CA GLU A 97 14.69 -19.98 -19.51
C GLU A 97 14.83 -19.23 -18.16
N CYS A 98 16.01 -18.67 -17.97
CA CYS A 98 16.31 -17.91 -16.77
C CYS A 98 15.59 -16.56 -16.79
N ILE A 99 15.67 -15.85 -17.92
CA ILE A 99 14.89 -14.60 -18.11
C ILE A 99 13.39 -14.80 -17.86
N GLN A 100 12.84 -15.92 -18.29
CA GLN A 100 11.42 -16.24 -18.08
C GLN A 100 11.14 -16.36 -16.57
N ASP A 101 12.08 -16.92 -15.80
CA ASP A 101 11.85 -17.06 -14.33
C ASP A 101 11.80 -15.67 -13.66
N PHE A 102 12.70 -14.76 -14.06
CA PHE A 102 12.66 -13.39 -13.63
C PHE A 102 11.32 -12.74 -13.99
N ASN A 103 10.88 -12.89 -15.25
CA ASN A 103 9.59 -12.33 -15.68
C ASN A 103 8.42 -12.87 -14.87
N THR A 104 8.48 -14.15 -14.54
CA THR A 104 7.43 -14.81 -13.75
C THR A 104 7.37 -14.23 -12.35
N MET A 105 8.53 -14.01 -11.77
CA MET A 105 8.62 -13.37 -10.45
C MET A 105 7.95 -12.00 -10.44
N PHE A 106 8.26 -11.17 -11.42
CA PHE A 106 7.62 -9.84 -11.48
C PHE A 106 6.12 -9.96 -11.76
N THR A 107 5.73 -10.81 -12.72
CA THR A 107 4.31 -10.95 -13.07
C THR A 107 3.47 -11.47 -11.90
N ASN A 108 4.02 -12.40 -11.12
CA ASN A 108 3.34 -12.88 -9.92
C ASN A 108 2.97 -11.72 -8.98
N CYS A 109 3.91 -10.81 -8.79
CA CYS A 109 3.68 -9.66 -7.90
C CYS A 109 2.56 -8.74 -8.46
N TYR A 110 2.54 -8.58 -9.76
CA TYR A 110 1.52 -7.74 -10.42
C TYR A 110 0.15 -8.39 -10.45
N ILE A 111 0.10 -9.72 -10.35
CA ILE A 111 -1.17 -10.46 -10.29
C ILE A 111 -1.78 -10.48 -8.91
N TYR A 112 -0.95 -10.81 -7.93
CA TYR A 112 -1.37 -10.93 -6.57
C TYR A 112 -1.71 -9.58 -5.90
N ASN A 113 -1.00 -8.54 -6.29
CA ASN A 113 -1.13 -7.25 -5.61
C ASN A 113 -1.83 -6.17 -6.41
N LYS A 114 -2.47 -5.25 -5.69
CA LYS A 114 -3.22 -4.18 -6.30
C LYS A 114 -2.22 -3.28 -7.00
N PRO A 115 -2.55 -2.80 -8.20
CA PRO A 115 -1.64 -1.85 -8.86
C PRO A 115 -1.35 -0.63 -8.00
N GLY A 116 -0.09 -0.21 -8.03
CA GLY A 116 0.38 0.93 -7.27
C GLY A 116 0.66 0.66 -5.81
N ASP A 117 0.41 -0.57 -5.32
CA ASP A 117 0.78 -0.92 -3.95
C ASP A 117 2.31 -0.81 -3.80
N ASP A 118 2.77 -0.57 -2.59
CA ASP A 118 4.22 -0.54 -2.29
C ASP A 118 5.06 -1.70 -2.88
N ILE A 119 4.64 -2.94 -2.68
CA ILE A 119 5.40 -4.10 -3.20
C ILE A 119 5.47 -4.08 -4.76
N VAL A 120 4.43 -3.56 -5.40
CA VAL A 120 4.40 -3.41 -6.84
C VAL A 120 5.39 -2.37 -7.34
N LEU A 121 5.48 -1.23 -6.66
CA LEU A 121 6.43 -0.19 -7.00
C LEU A 121 7.87 -0.74 -6.82
N MET A 122 8.08 -1.51 -5.76
CA MET A 122 9.37 -2.20 -5.54
C MET A 122 9.68 -3.14 -6.70
N ALA A 123 8.72 -3.99 -7.08
CA ALA A 123 8.91 -4.89 -8.24
C ALA A 123 9.20 -4.13 -9.55
N GLU A 124 8.49 -3.03 -9.76
CA GLU A 124 8.64 -2.23 -10.98
C GLU A 124 10.02 -1.62 -11.11
N ALA A 125 10.57 -1.12 -10.00
CA ALA A 125 11.92 -0.63 -9.98
C ALA A 125 12.95 -1.73 -10.27
N LEU A 126 12.80 -2.90 -9.65
CA LEU A 126 13.70 -4.03 -9.93
C LEU A 126 13.61 -4.52 -11.36
N GLU A 127 12.40 -4.55 -11.91
CA GLU A 127 12.15 -5.01 -13.26
C GLU A 127 12.80 -4.08 -14.29
N LYS A 128 12.69 -2.78 -14.07
CA LYS A 128 13.38 -1.81 -14.94
C LYS A 128 14.90 -2.01 -14.92
N LEU A 129 15.47 -2.22 -13.74
CA LEU A 129 16.90 -2.49 -13.63
C LEU A 129 17.28 -3.80 -14.33
N PHE A 130 16.47 -4.84 -14.11
CA PHE A 130 16.63 -6.12 -14.77
C PHE A 130 16.69 -5.96 -16.29
N LEU A 131 15.69 -5.28 -16.84
CA LEU A 131 15.62 -5.09 -18.29
C LEU A 131 16.81 -4.29 -18.78
N GLN A 132 17.24 -3.28 -18.02
CA GLN A 132 18.46 -2.55 -18.37
C GLN A 132 19.67 -3.47 -18.49
N LYS A 133 19.84 -4.37 -17.52
CA LYS A 133 20.99 -5.25 -17.51
C LYS A 133 20.91 -6.32 -18.60
N ILE A 134 19.69 -6.80 -18.85
CA ILE A 134 19.39 -7.76 -19.92
C ILE A 134 19.74 -7.22 -21.32
N ASN A 135 19.65 -5.90 -21.51
CA ASN A 135 20.01 -5.29 -22.80
C ASN A 135 21.51 -5.37 -23.08
N GLU A 136 22.34 -5.54 -22.04
CA GLU A 136 23.78 -5.77 -22.21
C GLU A 136 24.17 -7.27 -22.26
N LEU A 137 23.20 -8.14 -22.52
CA LEU A 137 23.45 -9.59 -22.56
C LEU A 137 24.38 -9.87 -23.75
N PRO A 138 25.54 -10.52 -23.52
CA PRO A 138 26.50 -10.74 -24.60
C PRO A 138 26.08 -11.79 -25.63
N THR A 139 26.73 -11.77 -26.78
CA THR A 139 26.50 -12.76 -27.83
C THR A 139 27.17 -14.08 -27.48
N VAL B 12 13.89 14.14 -11.62
CA VAL B 12 14.34 13.66 -10.29
C VAL B 12 13.73 14.53 -9.15
N PRO B 13 13.22 13.88 -8.08
CA PRO B 13 13.02 14.61 -6.81
C PRO B 13 14.34 15.22 -6.30
N ARG B 14 14.30 16.46 -5.80
CA ARG B 14 15.50 17.16 -5.34
C ARG B 14 15.53 17.25 -3.81
N GLY B 15 16.33 16.38 -3.19
CA GLY B 15 16.59 16.47 -1.77
C GLY B 15 17.56 15.39 -1.30
N SER B 16 18.34 15.72 -0.28
CA SER B 16 19.29 14.77 0.30
C SER B 16 18.77 14.29 1.66
N ASN B 17 19.41 13.25 2.22
CA ASN B 17 19.07 12.77 3.55
C ASN B 17 19.68 13.73 4.58
N PRO B 18 19.03 13.87 5.75
CA PRO B 18 19.70 14.54 6.84
C PRO B 18 20.75 13.64 7.46
N PRO B 19 21.64 14.24 8.27
CA PRO B 19 22.54 13.40 9.05
C PRO B 19 21.69 12.57 10.01
N PRO B 20 22.17 11.39 10.40
CA PRO B 20 21.40 10.59 11.33
C PRO B 20 21.33 11.22 12.72
N PRO B 21 20.45 10.70 13.58
CA PRO B 21 20.45 11.19 14.95
C PRO B 21 21.75 10.84 15.65
N GLU B 22 22.15 11.72 16.56
CA GLU B 22 23.36 11.51 17.40
C GLU B 22 23.24 10.16 18.11
N THR B 23 24.32 9.37 18.11
CA THR B 23 24.34 8.10 18.82
C THR B 23 25.34 8.04 19.97
N SER B 24 26.11 9.10 20.15
CA SER B 24 27.02 9.20 21.30
C SER B 24 27.35 10.66 21.54
N ASN B 25 27.71 10.97 22.78
CA ASN B 25 27.99 12.34 23.20
C ASN B 25 29.08 12.25 24.27
N PRO B 26 30.27 12.81 24.01
CA PRO B 26 31.33 12.48 24.98
C PRO B 26 31.14 13.18 26.34
N ASN B 27 30.30 14.20 26.42
CA ASN B 27 30.01 14.93 27.66
C ASN B 27 28.90 14.30 28.50
N LYS B 28 27.99 13.53 27.89
CA LYS B 28 26.88 12.91 28.63
C LYS B 28 27.42 11.86 29.58
N PRO B 29 27.07 11.93 30.88
CA PRO B 29 27.59 10.94 31.82
C PRO B 29 27.00 9.56 31.59
N LYS B 30 27.68 8.54 32.11
CA LYS B 30 27.33 7.15 31.80
C LYS B 30 27.03 6.34 33.04
N ARG B 31 25.95 5.58 33.00
CA ARG B 31 25.69 4.59 34.01
C ARG B 31 25.11 3.34 33.37
N GLN B 32 25.18 2.26 34.12
CA GLN B 32 24.62 0.99 33.73
C GLN B 32 23.51 0.75 34.74
N THR B 33 22.32 0.40 34.27
CA THR B 33 21.22 0.04 35.17
C THR B 33 20.59 -1.24 34.69
N ASN B 34 19.92 -1.93 35.59
CA ASN B 34 19.22 -3.14 35.19
C ASN B 34 18.12 -2.92 34.11
N GLN B 35 17.43 -1.78 34.15
CA GLN B 35 16.45 -1.42 33.14
C GLN B 35 17.07 -1.18 31.76
N LEU B 36 18.15 -0.42 31.71
CA LEU B 36 18.86 -0.21 30.42
C LEU B 36 19.38 -1.56 29.88
N GLN B 37 19.92 -2.39 30.76
CA GLN B 37 20.38 -3.73 30.36
C GLN B 37 19.21 -4.57 29.78
N TYR B 38 18.05 -4.52 30.42
CA TYR B 38 16.86 -5.23 29.88
C TYR B 38 16.43 -4.68 28.52
N LEU B 39 16.53 -3.37 28.33
CA LEU B 39 16.14 -2.78 27.04
C LEU B 39 17.03 -3.28 25.92
N LEU B 40 18.32 -3.42 26.19
CA LEU B 40 19.24 -3.88 25.17
C LEU B 40 19.11 -5.38 24.92
N ARG B 41 19.11 -6.16 26.01
CA ARG B 41 19.27 -7.63 25.92
C ARG B 41 17.99 -8.36 25.67
N VAL B 42 16.87 -7.79 26.10
CA VAL B 42 15.56 -8.38 25.89
C VAL B 42 14.73 -7.63 24.85
N VAL B 43 14.51 -6.34 25.04
CA VAL B 43 13.53 -5.61 24.24
C VAL B 43 14.06 -5.44 22.81
N LEU B 44 15.24 -4.85 22.68
CA LEU B 44 15.76 -4.61 21.35
C LEU B 44 16.02 -5.94 20.62
N LYS B 45 16.55 -6.94 21.34
CA LYS B 45 16.84 -8.24 20.75
C LYS B 45 15.58 -8.93 20.19
N THR B 46 14.51 -8.95 20.98
CA THR B 46 13.22 -9.53 20.57
C THR B 46 12.63 -8.83 19.34
N LEU B 47 12.67 -7.50 19.33
CA LEU B 47 12.09 -6.76 18.20
C LEU B 47 12.98 -6.89 16.93
N TRP B 48 14.29 -6.94 17.12
CA TRP B 48 15.21 -6.93 15.99
C TRP B 48 14.99 -8.16 15.11
N LYS B 49 14.70 -9.29 15.74
CA LYS B 49 14.58 -10.56 15.03
C LYS B 49 13.20 -10.78 14.40
N HIS B 50 12.25 -9.91 14.67
CA HIS B 50 10.93 -10.06 14.16
C HIS B 50 10.92 -10.03 12.61
N GLN B 51 9.99 -10.79 12.01
CA GLN B 51 9.78 -10.89 10.56
C GLN B 51 9.67 -9.52 9.89
N PHE B 52 9.00 -8.62 10.58
CA PHE B 52 8.66 -7.27 10.06
C PHE B 52 9.58 -6.16 10.57
N ALA B 53 10.71 -6.52 11.19
CA ALA B 53 11.66 -5.52 11.74
C ALA B 53 12.47 -4.75 10.72
N TRP B 54 12.74 -5.39 9.58
CA TRP B 54 13.74 -4.93 8.63
C TRP B 54 13.62 -3.45 8.15
N PRO B 55 12.39 -2.92 7.92
CA PRO B 55 12.32 -1.50 7.48
C PRO B 55 12.66 -0.51 8.59
N PHE B 56 12.68 -0.99 9.84
CA PHE B 56 12.91 -0.17 11.02
C PHE B 56 14.32 -0.29 11.58
N GLN B 57 15.21 -1.00 10.90
CA GLN B 57 16.52 -1.33 11.43
C GLN B 57 17.61 -0.31 11.10
N GLN B 58 17.25 0.77 10.40
CA GLN B 58 18.19 1.81 10.01
C GLN B 58 17.42 3.09 9.74
N PRO B 59 18.10 4.24 9.79
CA PRO B 59 17.43 5.49 9.38
C PRO B 59 16.80 5.39 8.00
N VAL B 60 15.68 6.05 7.78
CA VAL B 60 15.01 6.06 6.50
C VAL B 60 15.91 6.73 5.48
N ASP B 61 16.21 6.05 4.39
CA ASP B 61 17.05 6.62 3.36
C ASP B 61 16.04 7.04 2.31
N ALA B 62 15.66 8.31 2.42
CA ALA B 62 14.64 8.91 1.60
C ALA B 62 15.04 8.97 0.11
N VAL B 63 16.35 9.01 -0.14
CA VAL B 63 16.85 9.06 -1.52
C VAL B 63 16.70 7.68 -2.17
N LYS B 64 17.37 6.68 -1.60
CA LYS B 64 17.36 5.32 -2.16
C LYS B 64 15.94 4.70 -2.15
N LEU B 65 15.16 4.98 -1.13
CA LEU B 65 13.80 4.41 -1.05
C LEU B 65 12.70 5.23 -1.75
N ASN B 66 13.09 6.29 -2.48
CA ASN B 66 12.15 7.15 -3.20
C ASN B 66 11.02 7.65 -2.31
N LEU B 67 11.38 8.30 -1.22
CA LEU B 67 10.42 8.92 -0.30
C LEU B 67 10.79 10.40 -0.20
N PRO B 68 10.58 11.16 -1.29
CA PRO B 68 11.14 12.54 -1.30
C PRO B 68 10.59 13.49 -0.28
N ASP B 69 9.38 13.24 0.21
CA ASP B 69 8.73 14.08 1.19
C ASP B 69 8.90 13.59 2.65
N TYR B 70 9.71 12.54 2.88
CA TYR B 70 9.71 11.90 4.19
C TYR B 70 10.12 12.92 5.23
N TYR B 71 11.28 13.56 4.99
CA TYR B 71 11.81 14.53 5.96
C TYR B 71 11.18 15.92 5.89
N LYS B 72 10.29 16.15 4.94
CA LYS B 72 9.34 17.28 5.01
C LYS B 72 8.24 17.09 6.05
N ILE B 73 7.83 15.84 6.25
CA ILE B 73 6.79 15.46 7.18
C ILE B 73 7.33 15.04 8.54
N ILE B 74 8.42 14.27 8.57
CA ILE B 74 8.96 13.67 9.80
C ILE B 74 10.20 14.48 10.21
N LYS B 75 10.05 15.26 11.26
CA LYS B 75 11.12 16.12 11.77
C LYS B 75 11.92 15.54 12.92
N THR B 76 11.43 14.48 13.55
CA THR B 76 12.16 13.80 14.61
C THR B 76 12.32 12.34 14.22
N PRO B 77 13.19 12.05 13.24
CA PRO B 77 13.36 10.64 12.81
C PRO B 77 13.98 9.75 13.88
N MET B 78 13.58 8.50 13.87
CA MET B 78 14.13 7.52 14.78
C MET B 78 13.97 6.14 14.19
N ASP B 79 14.93 5.25 14.50
CA ASP B 79 14.92 3.89 14.05
C ASP B 79 15.64 2.99 15.07
N MET B 80 15.50 1.67 14.90
CA MET B 80 16.07 0.74 15.85
C MET B 80 17.58 0.62 15.77
N GLY B 81 18.17 0.88 14.60
CA GLY B 81 19.63 0.88 14.49
C GLY B 81 20.24 1.94 15.40
N THR B 82 19.66 3.12 15.32
CA THR B 82 20.04 4.25 16.17
C THR B 82 19.87 3.92 17.67
N ILE B 83 18.71 3.39 18.04
CA ILE B 83 18.40 3.04 19.43
C ILE B 83 19.45 2.04 19.93
N LYS B 84 19.73 1.02 19.13
CA LYS B 84 20.76 0.03 19.44
C LYS B 84 22.09 0.68 19.74
N LYS B 85 22.51 1.53 18.81
CA LYS B 85 23.77 2.23 18.90
C LYS B 85 23.80 3.09 20.18
N ARG B 86 22.68 3.75 20.49
CA ARG B 86 22.63 4.60 21.70
C ARG B 86 22.77 3.74 22.95
N LEU B 87 22.14 2.57 22.96
CA LEU B 87 22.28 1.64 24.10
C LEU B 87 23.72 1.13 24.24
N GLU B 88 24.34 0.74 23.12
CA GLU B 88 25.74 0.24 23.15
C GLU B 88 26.75 1.33 23.54
N ASN B 89 26.48 2.58 23.13
CA ASN B 89 27.28 3.78 23.48
C ASN B 89 27.00 4.35 24.88
N ASN B 90 26.10 3.74 25.67
CA ASN B 90 25.69 4.32 26.98
C ASN B 90 25.17 5.73 26.89
N TYR B 91 24.52 6.05 25.78
CA TYR B 91 23.97 7.37 25.54
C TYR B 91 22.73 7.67 26.41
N TYR B 92 21.94 6.65 26.71
CA TYR B 92 20.76 6.84 27.57
C TYR B 92 21.14 6.72 29.06
N TRP B 93 20.70 7.70 29.83
CA TRP B 93 20.79 7.67 31.30
C TRP B 93 19.55 7.02 31.95
N ASN B 94 18.38 7.31 31.39
CA ASN B 94 17.10 6.78 31.85
C ASN B 94 16.50 5.83 30.81
N ALA B 95 15.95 4.71 31.30
CA ALA B 95 15.17 3.80 30.46
C ALA B 95 14.07 4.55 29.68
N GLN B 96 13.43 5.54 30.31
CA GLN B 96 12.36 6.33 29.64
C GLN B 96 12.82 7.04 28.40
N GLU B 97 14.09 7.46 28.34
CA GLU B 97 14.58 8.10 27.10
C GLU B 97 14.59 7.08 25.93
N CYS B 98 14.93 5.83 26.23
CA CYS B 98 14.92 4.78 25.22
C CYS B 98 13.49 4.42 24.79
N ILE B 99 12.62 4.29 25.78
CA ILE B 99 11.20 4.01 25.53
C ILE B 99 10.58 5.10 24.67
N GLN B 100 10.97 6.33 24.94
CA GLN B 100 10.51 7.48 24.17
C GLN B 100 10.97 7.38 22.71
N ASP B 101 12.20 6.94 22.47
CA ASP B 101 12.70 6.81 21.08
C ASP B 101 11.93 5.73 20.33
N PHE B 102 11.67 4.61 20.98
CA PHE B 102 10.78 3.59 20.37
C PHE B 102 9.39 4.18 20.01
N ASN B 103 8.77 4.89 20.94
CA ASN B 103 7.49 5.53 20.66
C ASN B 103 7.56 6.54 19.53
N THR B 104 8.64 7.30 19.45
CA THR B 104 8.88 8.20 18.32
C THR B 104 8.92 7.44 17.01
N MET B 105 9.65 6.33 16.99
CA MET B 105 9.75 5.51 15.77
C MET B 105 8.36 5.04 15.33
N PHE B 106 7.57 4.51 16.27
CA PHE B 106 6.24 4.04 15.88
C PHE B 106 5.34 5.16 15.44
N THR B 107 5.29 6.23 16.19
CA THR B 107 4.38 7.35 15.87
C THR B 107 4.76 8.02 14.58
N ASN B 108 6.06 8.06 14.26
CA ASN B 108 6.49 8.58 12.96
C ASN B 108 5.87 7.80 11.80
N CYS B 109 5.85 6.49 11.95
CA CYS B 109 5.28 5.58 10.94
C CYS B 109 3.77 5.85 10.81
N TYR B 110 3.10 6.03 11.93
CA TYR B 110 1.67 6.25 11.90
C TYR B 110 1.33 7.62 11.28
N ILE B 111 2.22 8.59 11.49
CA ILE B 111 2.08 9.94 10.93
C ILE B 111 2.30 9.99 9.42
N TYR B 112 3.41 9.42 8.98
CA TYR B 112 3.78 9.48 7.59
C TYR B 112 2.85 8.65 6.68
N ASN B 113 2.24 7.59 7.23
CA ASN B 113 1.45 6.64 6.49
C ASN B 113 0.00 6.72 6.95
N LYS B 114 -0.84 5.77 6.52
CA LYS B 114 -2.30 5.85 6.72
C LYS B 114 -2.76 4.60 7.43
N PRO B 115 -3.86 4.66 8.17
CA PRO B 115 -4.31 3.44 8.85
C PRO B 115 -4.51 2.26 7.91
N GLY B 116 -4.08 1.07 8.35
CA GLY B 116 -4.17 -0.14 7.53
C GLY B 116 -3.12 -0.33 6.43
N ASP B 117 -2.22 0.64 6.22
CA ASP B 117 -1.16 0.51 5.22
C ASP B 117 -0.22 -0.62 5.67
N ASP B 118 0.46 -1.21 4.68
CA ASP B 118 1.34 -2.33 4.92
C ASP B 118 2.40 -2.02 6.00
N ILE B 119 3.09 -0.91 5.83
CA ILE B 119 4.20 -0.54 6.76
C ILE B 119 3.65 -0.28 8.17
N VAL B 120 2.43 0.23 8.22
CA VAL B 120 1.75 0.49 9.48
C VAL B 120 1.42 -0.82 10.20
N LEU B 121 0.92 -1.82 9.48
CA LEU B 121 0.70 -3.12 10.09
C LEU B 121 2.01 -3.77 10.59
N MET B 122 3.10 -3.53 9.88
CA MET B 122 4.40 -4.03 10.32
C MET B 122 4.80 -3.34 11.66
N ALA B 123 4.70 -2.00 11.69
CA ALA B 123 4.91 -1.20 12.91
C ALA B 123 4.03 -1.64 14.09
N GLU B 124 2.77 -1.95 13.81
CA GLU B 124 1.82 -2.38 14.85
C GLU B 124 2.23 -3.70 15.48
N ALA B 125 2.73 -4.63 14.66
CA ALA B 125 3.23 -5.91 15.16
C ALA B 125 4.42 -5.71 16.10
N LEU B 126 5.38 -4.88 15.67
CA LEU B 126 6.53 -4.56 16.53
C LEU B 126 6.08 -3.85 17.81
N GLU B 127 5.20 -2.86 17.68
CA GLU B 127 4.70 -2.11 18.85
C GLU B 127 4.01 -3.05 19.86
N LYS B 128 3.25 -4.01 19.34
CA LYS B 128 2.55 -4.94 20.24
C LYS B 128 3.57 -5.71 21.10
N LEU B 129 4.63 -6.18 20.47
CA LEU B 129 5.67 -6.93 21.14
C LEU B 129 6.42 -6.05 22.12
N PHE B 130 6.79 -4.84 21.65
CA PHE B 130 7.39 -3.84 22.52
C PHE B 130 6.57 -3.62 23.80
N LEU B 131 5.28 -3.35 23.64
CA LEU B 131 4.42 -3.10 24.79
C LEU B 131 4.40 -4.27 25.77
N GLN B 132 4.37 -5.50 25.26
CA GLN B 132 4.39 -6.67 26.14
C GLN B 132 5.71 -6.72 26.89
N LYS B 133 6.83 -6.46 26.22
CA LYS B 133 8.12 -6.50 26.92
C LYS B 133 8.24 -5.40 27.96
N ILE B 134 7.74 -4.22 27.66
CA ILE B 134 7.82 -3.12 28.61
C ILE B 134 6.96 -3.38 29.85
N ASN B 135 5.82 -4.06 29.70
CA ASN B 135 5.02 -4.47 30.89
C ASN B 135 5.83 -5.31 31.88
N GLU B 136 6.87 -5.98 31.38
CA GLU B 136 7.76 -6.80 32.20
C GLU B 136 9.12 -6.13 32.49
N LEU B 137 9.19 -4.82 32.35
CA LEU B 137 10.39 -4.06 32.70
C LEU B 137 10.71 -4.27 34.18
N PRO B 138 11.92 -4.78 34.48
CA PRO B 138 12.19 -5.07 35.90
C PRO B 138 12.20 -3.79 36.75
N THR B 139 11.79 -3.94 38.01
CA THR B 139 11.88 -2.84 38.97
C THR B 139 13.36 -2.49 39.11
N GLU B 140 13.59 -1.22 39.42
CA GLU B 140 14.90 -0.58 39.28
C GLU B 140 16.06 -1.19 40.06
N GLU B 141 15.81 -1.83 41.21
CA GLU B 141 16.86 -2.39 42.08
C GLU B 141 17.88 -1.32 42.50
N PRO C 13 -11.64 27.11 -12.17
CA PRO C 13 -10.72 28.25 -12.04
C PRO C 13 -9.56 27.99 -11.08
N ARG C 14 -8.33 28.26 -11.51
CA ARG C 14 -7.12 28.10 -10.67
C ARG C 14 -7.21 28.99 -9.45
N GLY C 15 -6.86 28.43 -8.28
CA GLY C 15 -6.91 29.17 -7.01
C GLY C 15 -8.23 28.97 -6.31
N SER C 16 -9.11 28.14 -6.89
CA SER C 16 -10.42 27.90 -6.31
C SER C 16 -10.33 27.08 -5.02
N ASN C 17 -9.33 26.22 -4.90
CA ASN C 17 -9.10 25.52 -3.63
C ASN C 17 -8.51 26.43 -2.56
N PRO C 18 -9.12 26.46 -1.36
CA PRO C 18 -8.44 27.15 -0.27
C PRO C 18 -7.28 26.29 0.22
N PRO C 19 -6.37 26.87 1.03
CA PRO C 19 -5.43 26.01 1.76
C PRO C 19 -6.22 25.06 2.64
N PRO C 20 -5.65 23.89 2.95
CA PRO C 20 -6.36 23.00 3.86
C PRO C 20 -6.45 23.56 5.25
N PRO C 21 -7.34 23.00 6.08
CA PRO C 21 -7.40 23.51 7.44
C PRO C 21 -6.08 23.39 8.21
N GLU C 22 -5.89 24.29 9.17
CA GLU C 22 -4.75 24.25 10.10
C GLU C 22 -4.77 22.93 10.86
N THR C 23 -3.58 22.33 10.99
CA THR C 23 -3.43 21.06 11.69
C THR C 23 -2.37 21.08 12.80
N SER C 24 -1.59 22.16 12.89
CA SER C 24 -0.52 22.26 13.89
C SER C 24 -0.42 23.70 14.31
N ASN C 25 -0.45 23.92 15.61
CA ASN C 25 -0.30 25.25 16.16
C ASN C 25 0.56 25.11 17.41
N PRO C 26 1.86 25.46 17.34
CA PRO C 26 2.70 25.30 18.52
C PRO C 26 2.39 26.28 19.68
N ASN C 27 1.55 27.31 19.45
CA ASN C 27 1.03 28.14 20.58
C ASN C 27 0.03 27.38 21.45
N LYS C 28 -0.69 26.42 20.89
CA LYS C 28 -1.69 25.71 21.65
C LYS C 28 -1.05 24.71 22.64
N PRO C 29 -1.56 24.69 23.89
CA PRO C 29 -1.03 23.75 24.86
C PRO C 29 -1.40 22.33 24.43
N LYS C 30 -0.63 21.36 24.91
CA LYS C 30 -0.76 19.98 24.49
C LYS C 30 -0.94 19.09 25.70
N ARG C 31 -1.85 18.14 25.59
CA ARG C 31 -1.92 17.03 26.55
C ARG C 31 -2.37 15.75 25.84
N GLN C 32 -1.95 14.61 26.38
CA GLN C 32 -2.39 13.31 25.86
C GLN C 32 -3.38 12.73 26.84
N THR C 33 -4.58 12.42 26.36
CA THR C 33 -5.64 11.83 27.20
C THR C 33 -6.09 10.48 26.64
N ASN C 34 -6.70 9.66 27.52
CA ASN C 34 -7.39 8.42 27.14
C ASN C 34 -8.27 8.63 25.91
N GLN C 35 -9.07 9.67 26.01
CA GLN C 35 -10.13 9.95 25.06
C GLN C 35 -9.57 10.34 23.69
N LEU C 36 -8.58 11.22 23.69
CA LEU C 36 -7.93 11.61 22.44
C LEU C 36 -7.15 10.44 21.84
N GLN C 37 -6.50 9.65 22.69
CA GLN C 37 -5.89 8.42 22.20
C GLN C 37 -6.89 7.49 21.51
N TYR C 38 -8.05 7.31 22.12
CA TYR C 38 -9.09 6.44 21.57
C TYR C 38 -9.62 6.99 20.24
N LEU C 39 -9.79 8.30 20.18
CA LEU C 39 -10.25 8.94 18.95
C LEU C 39 -9.30 8.66 17.80
N LEU C 40 -8.00 8.68 18.07
CA LEU C 40 -7.02 8.40 17.00
C LEU C 40 -6.86 6.91 16.71
N ARG C 41 -6.53 6.13 17.74
CA ARG C 41 -6.23 4.70 17.54
C ARG C 41 -7.42 3.77 17.22
N VAL C 42 -8.62 4.18 17.60
CA VAL C 42 -9.80 3.35 17.38
C VAL C 42 -10.78 3.97 16.39
N VAL C 43 -11.20 5.20 16.67
CA VAL C 43 -12.32 5.82 15.94
C VAL C 43 -11.84 6.19 14.53
N LEU C 44 -10.82 7.04 14.44
CA LEU C 44 -10.28 7.39 13.12
C LEU C 44 -9.85 6.13 12.32
N LYS C 45 -9.14 5.19 12.96
CA LYS C 45 -8.71 3.95 12.28
C LYS C 45 -9.92 3.24 11.66
N THR C 46 -10.98 3.06 12.44
CA THR C 46 -12.13 2.31 11.96
C THR C 46 -12.83 3.00 10.78
N LEU C 47 -13.05 4.29 10.90
CA LEU C 47 -13.67 5.06 9.83
C LEU C 47 -12.79 5.11 8.58
N TRP C 48 -11.48 5.24 8.78
CA TRP C 48 -10.52 5.33 7.67
C TRP C 48 -10.62 4.12 6.75
N LYS C 49 -10.80 2.94 7.35
CA LYS C 49 -10.80 1.68 6.65
C LYS C 49 -12.18 1.28 6.09
N HIS C 50 -13.20 2.08 6.33
CA HIS C 50 -14.53 1.76 5.87
C HIS C 50 -14.59 1.83 4.36
N GLN C 51 -15.43 0.99 3.79
CA GLN C 51 -15.62 0.88 2.34
C GLN C 51 -16.07 2.19 1.69
N PHE C 52 -16.70 3.09 2.45
CA PHE C 52 -17.16 4.40 1.91
C PHE C 52 -16.22 5.56 2.31
N ALA C 53 -15.04 5.28 2.89
CA ALA C 53 -14.21 6.35 3.45
C ALA C 53 -13.52 7.21 2.38
N TRP C 54 -13.23 6.67 1.20
CA TRP C 54 -12.29 7.35 0.28
C TRP C 54 -12.58 8.88 0.05
N PRO C 55 -13.83 9.26 -0.28
CA PRO C 55 -14.17 10.67 -0.54
C PRO C 55 -13.97 11.61 0.65
N PHE C 56 -13.90 11.04 1.86
CA PHE C 56 -13.79 11.78 3.11
C PHE C 56 -12.35 11.82 3.67
N GLN C 57 -11.38 11.23 2.96
CA GLN C 57 -10.01 11.10 3.48
C GLN C 57 -9.09 12.30 3.23
N GLN C 58 -9.52 13.24 2.41
CA GLN C 58 -8.73 14.43 2.15
C GLN C 58 -9.65 15.60 1.90
N PRO C 59 -9.11 16.83 1.97
CA PRO C 59 -9.93 17.99 1.66
C PRO C 59 -10.54 17.87 0.28
N VAL C 60 -11.74 18.42 0.13
CA VAL C 60 -12.42 18.38 -1.14
C VAL C 60 -11.56 19.21 -2.10
N ASP C 61 -11.16 18.60 -3.19
CA ASP C 61 -10.43 19.28 -4.25
C ASP C 61 -11.45 19.68 -5.28
N ALA C 62 -11.89 20.92 -5.19
CA ALA C 62 -12.97 21.44 -6.04
C ALA C 62 -12.60 21.47 -7.52
N VAL C 63 -11.33 21.70 -7.79
CA VAL C 63 -10.79 21.72 -9.17
C VAL C 63 -10.78 20.32 -9.82
N LYS C 64 -10.08 19.38 -9.21
CA LYS C 64 -9.96 18.05 -9.80
C LYS C 64 -11.26 17.24 -9.80
N LEU C 65 -12.13 17.47 -8.81
CA LEU C 65 -13.41 16.78 -8.71
C LEU C 65 -14.55 17.51 -9.40
N ASN C 66 -14.26 18.67 -9.99
CA ASN C 66 -15.25 19.43 -10.75
C ASN C 66 -16.43 19.84 -9.87
N LEU C 67 -16.13 20.53 -8.78
CA LEU C 67 -17.15 21.03 -7.87
C LEU C 67 -16.92 22.54 -7.68
N PRO C 68 -17.16 23.33 -8.74
CA PRO C 68 -16.76 24.74 -8.68
C PRO C 68 -17.44 25.61 -7.59
N ASP C 69 -18.63 25.24 -7.13
CA ASP C 69 -19.30 25.99 -6.08
C ASP C 69 -19.07 25.47 -4.63
N TYR C 70 -18.26 24.44 -4.47
CA TYR C 70 -18.13 23.81 -3.14
C TYR C 70 -17.80 24.83 -2.06
N TYR C 71 -16.73 25.59 -2.27
CA TYR C 71 -16.22 26.55 -1.29
C TYR C 71 -16.95 27.89 -1.33
N LYS C 72 -17.87 28.06 -2.28
CA LYS C 72 -18.86 29.14 -2.19
C LYS C 72 -19.96 28.82 -1.19
N ILE C 73 -20.26 27.53 -1.01
CA ILE C 73 -21.29 27.04 -0.11
C ILE C 73 -20.71 26.62 1.24
N ILE C 74 -19.58 25.91 1.25
CA ILE C 74 -19.05 25.31 2.46
C ILE C 74 -17.89 26.16 2.93
N LYS C 75 -18.11 26.88 4.03
CA LYS C 75 -17.12 27.77 4.63
C LYS C 75 -16.38 27.17 5.82
N THR C 76 -16.81 26.02 6.33
CA THR C 76 -16.05 25.29 7.37
C THR C 76 -15.74 23.87 6.91
N PRO C 77 -14.89 23.75 5.89
CA PRO C 77 -14.56 22.41 5.39
C PRO C 77 -13.83 21.58 6.42
N MET C 78 -14.06 20.25 6.36
CA MET C 78 -13.39 19.32 7.26
C MET C 78 -13.40 17.94 6.63
N ASP C 79 -12.34 17.18 6.91
CA ASP C 79 -12.12 15.88 6.31
C ASP C 79 -11.28 15.07 7.31
N MET C 80 -11.24 13.76 7.08
CA MET C 80 -10.61 12.86 8.04
C MET C 80 -9.09 12.94 7.97
N GLY C 81 -8.55 13.37 6.83
CA GLY C 81 -7.07 13.56 6.75
C GLY C 81 -6.62 14.68 7.70
N THR C 82 -7.39 15.76 7.73
CA THR C 82 -7.19 16.90 8.64
C THR C 82 -7.34 16.48 10.10
N ILE C 83 -8.34 15.69 10.39
CA ILE C 83 -8.60 15.23 11.74
C ILE C 83 -7.43 14.36 12.26
N LYS C 84 -7.02 13.40 11.45
CA LYS C 84 -5.83 12.58 11.71
C LYS C 84 -4.63 13.46 12.07
N LYS C 85 -4.33 14.44 11.22
CA LYS C 85 -3.20 15.34 11.52
C LYS C 85 -3.38 16.17 12.79
N ARG C 86 -4.60 16.65 13.03
CA ARG C 86 -4.91 17.35 14.26
C ARG C 86 -4.67 16.49 15.50
N LEU C 87 -5.13 15.25 15.50
CA LEU C 87 -4.90 14.34 16.62
C LEU C 87 -3.41 14.07 16.84
N GLU C 88 -2.68 13.85 15.75
CA GLU C 88 -1.22 13.60 15.77
C GLU C 88 -0.40 14.75 16.30
N ASN C 89 -0.80 15.98 15.96
CA ASN C 89 -0.11 17.18 16.38
C ASN C 89 -0.64 17.74 17.71
N ASN C 90 -1.47 16.97 18.42
CA ASN C 90 -2.02 17.41 19.69
C ASN C 90 -2.70 18.77 19.58
N TYR C 91 -3.46 18.94 18.50
CA TYR C 91 -4.15 20.18 18.22
C TYR C 91 -5.33 20.39 19.14
N TYR C 92 -5.98 19.30 19.51
CA TYR C 92 -7.16 19.32 20.34
C TYR C 92 -6.76 19.19 21.82
N TRP C 93 -7.31 20.04 22.66
CA TRP C 93 -7.19 19.90 24.12
C TRP C 93 -8.20 18.91 24.67
N ASN C 94 -9.39 18.86 24.09
CA ASN C 94 -10.35 17.85 24.54
C ASN C 94 -11.04 17.10 23.39
N ALA C 95 -11.52 15.91 23.73
CA ALA C 95 -12.21 15.01 22.79
C ALA C 95 -13.36 15.69 22.06
N GLN C 96 -14.08 16.56 22.76
CA GLN C 96 -15.26 17.23 22.16
C GLN C 96 -14.87 18.11 20.96
N GLU C 97 -13.70 18.74 21.01
CA GLU C 97 -13.25 19.51 19.85
C GLU C 97 -13.08 18.62 18.60
N CYS C 98 -12.59 17.41 18.81
CA CYS C 98 -12.40 16.45 17.74
C CYS C 98 -13.73 15.90 17.23
N ILE C 99 -14.61 15.53 18.16
CA ILE C 99 -15.98 15.09 17.78
C ILE C 99 -16.73 16.14 16.95
N GLN C 100 -16.57 17.40 17.34
CA GLN C 100 -17.09 18.52 16.62
C GLN C 100 -16.59 18.53 15.15
N ASP C 101 -15.31 18.22 14.93
CA ASP C 101 -14.74 18.21 13.55
C ASP C 101 -15.37 17.10 12.72
N PHE C 102 -15.52 15.90 13.29
CA PHE C 102 -16.27 14.84 12.64
C PHE C 102 -17.68 15.28 12.29
N ASN C 103 -18.37 15.90 13.24
CA ASN C 103 -19.74 16.35 12.99
C ASN C 103 -19.80 17.38 11.89
N THR C 104 -18.82 18.27 11.85
CA THR C 104 -18.73 19.28 10.79
C THR C 104 -18.54 18.63 9.41
N MET C 105 -17.70 17.63 9.35
CA MET C 105 -17.52 16.88 8.11
C MET C 105 -18.83 16.31 7.57
N PHE C 106 -19.59 15.66 8.44
CA PHE C 106 -20.84 15.06 7.99
C PHE C 106 -21.84 16.13 7.63
N THR C 107 -21.98 17.17 8.45
CA THR C 107 -22.99 18.22 8.15
C THR C 107 -22.66 18.98 6.85
N ASN C 108 -21.39 19.21 6.57
CA ASN C 108 -20.98 19.78 5.28
C ASN C 108 -21.56 18.98 4.11
N CYS C 109 -21.45 17.66 4.19
CA CYS C 109 -21.96 16.79 3.13
C CYS C 109 -23.51 16.93 3.00
N TYR C 110 -24.19 16.99 4.14
CA TYR C 110 -25.65 17.15 4.16
C TYR C 110 -26.13 18.52 3.69
N ILE C 111 -25.28 19.54 3.77
CA ILE C 111 -25.62 20.90 3.34
C ILE C 111 -25.42 21.05 1.85
N TYR C 112 -24.26 20.61 1.38
CA TYR C 112 -23.86 20.74 0.01
C TYR C 112 -24.67 19.84 -0.95
N ASN C 113 -25.04 18.67 -0.48
CA ASN C 113 -25.63 17.65 -1.35
C ASN C 113 -27.10 17.42 -1.13
N LYS C 114 -27.79 17.00 -2.21
CA LYS C 114 -29.21 16.76 -2.13
C LYS C 114 -29.44 15.54 -1.24
N PRO C 115 -30.46 15.59 -0.38
CA PRO C 115 -30.79 14.40 0.45
C PRO C 115 -30.99 13.13 -0.40
N GLY C 116 -30.48 12.02 0.10
CA GLY C 116 -30.52 10.71 -0.56
C GLY C 116 -29.60 10.55 -1.77
N ASP C 117 -28.74 11.55 -2.02
CA ASP C 117 -27.70 11.41 -3.04
C ASP C 117 -26.72 10.35 -2.54
N ASP C 118 -26.05 9.71 -3.48
CA ASP C 118 -25.03 8.67 -3.16
C ASP C 118 -23.99 9.09 -2.08
N ILE C 119 -23.38 10.26 -2.24
CA ILE C 119 -22.37 10.74 -1.24
C ILE C 119 -23.01 10.94 0.16
N VAL C 120 -24.28 11.36 0.19
CA VAL C 120 -25.02 11.47 1.44
C VAL C 120 -25.24 10.13 2.11
N LEU C 121 -25.61 9.11 1.34
CA LEU C 121 -25.79 7.78 1.88
C LEU C 121 -24.47 7.24 2.44
N MET C 122 -23.37 7.53 1.74
CA MET C 122 -22.02 7.16 2.20
C MET C 122 -21.71 7.88 3.53
N ALA C 123 -21.96 9.20 3.61
CA ALA C 123 -21.78 9.94 4.86
C ALA C 123 -22.63 9.39 6.02
N GLU C 124 -23.88 9.06 5.72
CA GLU C 124 -24.80 8.56 6.75
C GLU C 124 -24.36 7.24 7.33
N ALA C 125 -23.83 6.35 6.50
CA ALA C 125 -23.29 5.10 6.99
C ALA C 125 -22.03 5.32 7.87
N LEU C 126 -21.15 6.22 7.45
CA LEU C 126 -19.96 6.53 8.27
C LEU C 126 -20.31 7.19 9.60
N GLU C 127 -21.28 8.10 9.57
CA GLU C 127 -21.76 8.79 10.77
C GLU C 127 -22.34 7.83 11.78
N LYS C 128 -23.14 6.89 11.32
CA LYS C 128 -23.69 5.84 12.21
C LYS C 128 -22.57 5.05 12.87
N LEU C 129 -21.57 4.66 12.11
CA LEU C 129 -20.44 3.93 12.67
C LEU C 129 -19.66 4.79 13.67
N PHE C 130 -19.44 6.05 13.29
CA PHE C 130 -18.82 7.02 14.17
C PHE C 130 -19.53 7.12 15.50
N LEU C 131 -20.86 7.30 15.44
CA LEU C 131 -21.65 7.45 16.67
C LEU C 131 -21.61 6.18 17.51
N GLN C 132 -21.67 5.02 16.87
CA GLN C 132 -21.47 3.74 17.58
C GLN C 132 -20.15 3.69 18.34
N LYS C 133 -19.08 4.11 17.69
CA LYS C 133 -17.76 4.05 18.31
C LYS C 133 -17.62 5.06 19.42
N ILE C 134 -18.25 6.21 19.26
CA ILE C 134 -18.26 7.29 20.25
C ILE C 134 -18.85 6.91 21.61
N ASN C 135 -19.86 6.05 21.68
CA ASN C 135 -20.36 5.68 23.04
C ASN C 135 -19.46 4.69 23.77
N GLU C 136 -18.46 4.11 23.11
CA GLU C 136 -17.40 3.38 23.82
C GLU C 136 -16.19 4.26 24.17
N LEU C 137 -16.40 5.57 24.25
CA LEU C 137 -15.35 6.52 24.63
C LEU C 137 -15.06 6.34 26.12
N PRO C 138 -13.78 6.11 26.51
CA PRO C 138 -13.46 5.88 27.93
C PRO C 138 -13.54 7.12 28.83
N THR C 139 -13.40 6.89 30.15
CA THR C 139 -13.36 7.96 31.16
C THR C 139 -12.02 8.69 31.15
N VAL D 12 -32.08 -7.04 6.88
CA VAL D 12 -30.90 -7.11 5.95
C VAL D 12 -31.34 -7.52 4.53
N PRO D 13 -30.73 -6.89 3.49
CA PRO D 13 -30.65 -7.54 2.16
C PRO D 13 -30.10 -8.98 2.23
N ARG D 14 -30.71 -9.92 1.52
CA ARG D 14 -30.24 -11.33 1.52
C ARG D 14 -29.66 -11.71 0.15
N GLY D 15 -28.35 -11.57 0.00
CA GLY D 15 -27.65 -12.06 -1.17
C GLY D 15 -26.14 -11.96 -0.98
N SER D 16 -25.40 -12.90 -1.57
CA SER D 16 -23.94 -12.87 -1.53
C SER D 16 -23.40 -12.42 -2.89
N ASN D 17 -22.11 -12.08 -2.96
CA ASN D 17 -21.44 -11.77 -4.22
C ASN D 17 -21.22 -13.05 -5.03
N PRO D 18 -21.25 -12.93 -6.36
CA PRO D 18 -20.75 -14.04 -7.16
C PRO D 18 -19.24 -14.13 -7.10
N PRO D 19 -18.70 -15.26 -7.59
CA PRO D 19 -17.25 -15.34 -7.73
C PRO D 19 -16.85 -14.36 -8.82
N PRO D 20 -15.60 -13.86 -8.77
CA PRO D 20 -15.17 -12.90 -9.79
C PRO D 20 -15.04 -13.53 -11.16
N PRO D 21 -14.92 -12.72 -12.21
CA PRO D 21 -14.66 -13.33 -13.50
C PRO D 21 -13.31 -14.03 -13.50
N GLU D 22 -13.22 -15.10 -14.28
CA GLU D 22 -11.94 -15.83 -14.50
C GLU D 22 -10.85 -14.85 -14.93
N THR D 23 -9.66 -14.96 -14.34
CA THR D 23 -8.50 -14.15 -14.76
C THR D 23 -7.32 -14.93 -15.33
N SER D 24 -7.39 -16.27 -15.27
CA SER D 24 -6.34 -17.19 -15.78
C SER D 24 -7.04 -18.42 -16.27
N ASN D 25 -6.54 -19.03 -17.34
CA ASN D 25 -7.05 -20.33 -17.78
C ASN D 25 -5.85 -21.13 -18.29
N PRO D 26 -5.49 -22.24 -17.61
CA PRO D 26 -4.19 -22.79 -17.98
C PRO D 26 -4.18 -23.50 -19.35
N ASN D 27 -5.36 -23.76 -19.94
CA ASN D 27 -5.47 -24.37 -21.27
C ASN D 27 -5.41 -23.39 -22.43
N LYS D 28 -5.77 -22.12 -22.26
CA LYS D 28 -5.79 -21.26 -23.45
C LYS D 28 -4.39 -20.75 -23.79
N PRO D 29 -4.05 -20.74 -25.09
CA PRO D 29 -2.68 -20.48 -25.48
C PRO D 29 -2.31 -19.05 -25.24
N LYS D 30 -1.01 -18.78 -25.19
CA LYS D 30 -0.47 -17.45 -24.86
C LYS D 30 0.36 -16.86 -25.97
N ARG D 31 0.12 -15.60 -26.28
CA ARG D 31 1.03 -14.84 -27.11
C ARG D 31 1.14 -13.41 -26.58
N GLN D 32 2.20 -12.76 -27.03
CA GLN D 32 2.46 -11.38 -26.74
C GLN D 32 2.33 -10.66 -28.08
N THR D 33 1.61 -9.55 -28.11
CA THR D 33 1.53 -8.74 -29.31
C THR D 33 1.73 -7.29 -28.93
N ASN D 34 2.14 -6.49 -29.91
CA ASN D 34 2.29 -5.05 -29.66
C ASN D 34 0.98 -4.35 -29.23
N GLN D 35 -0.17 -4.79 -29.72
CA GLN D 35 -1.47 -4.28 -29.28
C GLN D 35 -1.80 -4.64 -27.83
N LEU D 36 -1.61 -5.90 -27.47
CA LEU D 36 -1.85 -6.30 -26.06
C LEU D 36 -0.91 -5.54 -25.11
N GLN D 37 0.34 -5.36 -25.52
CA GLN D 37 1.31 -4.58 -24.73
C GLN D 37 0.84 -3.12 -24.58
N TYR D 38 0.35 -2.53 -25.67
CA TYR D 38 -0.19 -1.15 -25.61
C TYR D 38 -1.40 -1.05 -24.66
N LEU D 39 -2.25 -2.05 -24.66
CA LEU D 39 -3.43 -2.04 -23.77
C LEU D 39 -3.03 -2.06 -22.30
N LEU D 40 -1.98 -2.82 -21.99
CA LEU D 40 -1.51 -2.86 -20.62
C LEU D 40 -0.71 -1.62 -20.23
N ARG D 41 0.26 -1.26 -21.07
CA ARG D 41 1.25 -0.25 -20.69
C ARG D 41 0.75 1.17 -20.89
N VAL D 42 -0.19 1.36 -21.80
CA VAL D 42 -0.71 2.68 -22.08
C VAL D 42 -2.15 2.83 -21.64
N VAL D 43 -3.03 1.94 -22.10
CA VAL D 43 -4.46 2.18 -21.93
C VAL D 43 -4.85 1.97 -20.46
N LEU D 44 -4.53 0.81 -19.92
CA LEU D 44 -4.92 0.51 -18.56
C LEU D 44 -4.21 1.46 -17.60
N LYS D 45 -2.97 1.79 -17.90
CA LYS D 45 -2.19 2.69 -17.06
C LYS D 45 -2.81 4.07 -16.96
N THR D 46 -3.16 4.64 -18.10
CA THR D 46 -3.79 5.97 -18.17
C THR D 46 -5.13 6.03 -17.42
N LEU D 47 -5.96 5.02 -17.65
CA LEU D 47 -7.29 5.00 -16.99
C LEU D 47 -7.15 4.75 -15.48
N TRP D 48 -6.22 3.90 -15.10
CA TRP D 48 -6.08 3.53 -13.70
C TRP D 48 -5.80 4.73 -12.80
N LYS D 49 -4.99 5.67 -13.29
CA LYS D 49 -4.59 6.82 -12.48
C LYS D 49 -5.61 7.96 -12.50
N HIS D 50 -6.63 7.85 -13.33
CA HIS D 50 -7.64 8.88 -13.38
C HIS D 50 -8.33 9.09 -12.01
N GLN D 51 -8.71 10.34 -11.71
CA GLN D 51 -9.28 10.69 -10.41
C GLN D 51 -10.61 9.99 -10.16
N PHE D 52 -11.32 9.65 -11.23
CA PHE D 52 -12.62 8.91 -11.14
C PHE D 52 -12.51 7.39 -11.37
N ALA D 53 -11.30 6.84 -11.36
CA ALA D 53 -11.09 5.39 -11.60
C ALA D 53 -11.48 4.45 -10.47
N TRP D 54 -11.40 4.95 -9.25
CA TRP D 54 -11.45 4.12 -8.04
C TRP D 54 -12.66 3.18 -7.95
N PRO D 55 -13.89 3.60 -8.36
CA PRO D 55 -15.00 2.64 -8.25
C PRO D 55 -14.96 1.48 -9.25
N PHE D 56 -14.13 1.62 -10.29
CA PHE D 56 -14.00 0.66 -11.38
C PHE D 56 -12.76 -0.24 -11.22
N GLN D 57 -12.03 -0.12 -10.11
CA GLN D 57 -10.75 -0.80 -9.99
C GLN D 57 -10.85 -2.24 -9.39
N GLN D 58 -12.06 -2.69 -9.10
CA GLN D 58 -12.29 -4.01 -8.55
C GLN D 58 -13.72 -4.44 -8.84
N PRO D 59 -13.96 -5.74 -8.77
CA PRO D 59 -15.34 -6.19 -8.89
C PRO D 59 -16.28 -5.50 -7.91
N VAL D 60 -17.52 -5.24 -8.35
CA VAL D 60 -18.53 -4.62 -7.48
C VAL D 60 -18.81 -5.54 -6.28
N ASP D 61 -18.61 -5.05 -5.07
CA ASP D 61 -18.88 -5.83 -3.88
C ASP D 61 -20.24 -5.36 -3.45
N ALA D 62 -21.24 -6.11 -3.91
CA ALA D 62 -22.65 -5.75 -3.73
C ALA D 62 -23.05 -5.79 -2.25
N VAL D 63 -22.35 -6.61 -1.48
CA VAL D 63 -22.65 -6.74 -0.07
C VAL D 63 -22.14 -5.51 0.69
N LYS D 64 -20.84 -5.25 0.61
CA LYS D 64 -20.23 -4.10 1.34
C LYS D 64 -20.72 -2.74 0.84
N LEU D 65 -21.00 -2.63 -0.45
CA LEU D 65 -21.48 -1.37 -1.02
C LEU D 65 -23.00 -1.19 -0.98
N ASN D 66 -23.72 -2.09 -0.32
CA ASN D 66 -25.18 -2.05 -0.22
C ASN D 66 -25.86 -1.85 -1.58
N LEU D 67 -25.59 -2.77 -2.50
CA LEU D 67 -26.17 -2.75 -3.83
C LEU D 67 -26.83 -4.11 -4.01
N PRO D 68 -27.89 -4.41 -3.23
CA PRO D 68 -28.44 -5.77 -3.22
C PRO D 68 -28.99 -6.31 -4.53
N ASP D 69 -29.40 -5.42 -5.43
CA ASP D 69 -29.93 -5.81 -6.71
C ASP D 69 -28.89 -5.79 -7.85
N TYR D 70 -27.61 -5.53 -7.55
CA TYR D 70 -26.62 -5.30 -8.60
C TYR D 70 -26.54 -6.51 -9.52
N TYR D 71 -26.36 -7.69 -8.93
CA TYR D 71 -26.19 -8.92 -9.69
C TYR D 71 -27.51 -9.57 -10.13
N LYS D 72 -28.62 -8.96 -9.77
CA LYS D 72 -29.92 -9.24 -10.41
C LYS D 72 -30.07 -8.58 -11.77
N ILE D 73 -29.44 -7.41 -11.93
CA ILE D 73 -29.48 -6.60 -13.12
C ILE D 73 -28.28 -6.83 -14.03
N ILE D 74 -27.07 -6.97 -13.46
CA ILE D 74 -25.83 -7.07 -14.23
C ILE D 74 -25.38 -8.53 -14.19
N LYS D 75 -25.52 -9.20 -15.32
CA LYS D 75 -25.14 -10.62 -15.45
C LYS D 75 -23.79 -10.88 -16.06
N THR D 76 -23.14 -9.87 -16.63
CA THR D 76 -21.77 -10.01 -17.13
C THR D 76 -20.90 -8.94 -16.47
N PRO D 77 -20.56 -9.12 -15.19
CA PRO D 77 -19.78 -8.07 -14.52
C PRO D 77 -18.37 -7.95 -15.07
N MET D 78 -17.81 -6.76 -15.01
CA MET D 78 -16.45 -6.55 -15.43
C MET D 78 -15.94 -5.28 -14.75
N ASP D 79 -14.63 -5.28 -14.46
CA ASP D 79 -13.98 -4.15 -13.82
C ASP D 79 -12.52 -4.09 -14.28
N MET D 80 -11.84 -3.00 -13.97
CA MET D 80 -10.48 -2.82 -14.47
C MET D 80 -9.46 -3.67 -13.76
N GLY D 81 -9.73 -4.02 -12.49
CA GLY D 81 -8.84 -4.93 -11.77
C GLY D 81 -8.74 -6.29 -12.46
N THR D 82 -9.88 -6.80 -12.83
CA THR D 82 -10.00 -8.04 -13.60
C THR D 82 -9.26 -7.95 -14.94
N ILE D 83 -9.50 -6.87 -15.69
CA ILE D 83 -8.89 -6.65 -17.00
C ILE D 83 -7.37 -6.64 -16.85
N LYS D 84 -6.87 -5.91 -15.85
CA LYS D 84 -5.45 -5.87 -15.54
C LYS D 84 -4.89 -7.24 -15.32
N LYS D 85 -5.56 -7.98 -14.46
CA LYS D 85 -5.13 -9.31 -14.10
C LYS D 85 -5.13 -10.21 -15.35
N ARG D 86 -6.16 -10.05 -16.19
CA ARG D 86 -6.20 -10.86 -17.44
C ARG D 86 -5.04 -10.53 -18.34
N LEU D 87 -4.71 -9.24 -18.46
CA LEU D 87 -3.54 -8.83 -19.25
C LEU D 87 -2.22 -9.37 -18.68
N GLU D 88 -2.02 -9.23 -17.37
CA GLU D 88 -0.81 -9.78 -16.72
C GLU D 88 -0.69 -11.31 -16.80
N ASN D 89 -1.83 -12.04 -16.78
CA ASN D 89 -1.92 -13.50 -16.96
C ASN D 89 -1.84 -13.97 -18.42
N ASN D 90 -1.71 -13.05 -19.38
CA ASN D 90 -1.74 -13.44 -20.79
C ASN D 90 -3.02 -14.20 -21.19
N TYR D 91 -4.13 -13.79 -20.56
CA TYR D 91 -5.44 -14.41 -20.77
C TYR D 91 -6.06 -14.03 -22.12
N TYR D 92 -5.82 -12.81 -22.58
CA TYR D 92 -6.36 -12.35 -23.87
C TYR D 92 -5.39 -12.73 -25.00
N TRP D 93 -5.97 -13.30 -26.05
CA TRP D 93 -5.25 -13.60 -27.30
C TRP D 93 -5.34 -12.42 -28.30
N ASN D 94 -6.53 -11.82 -28.37
CA ASN D 94 -6.80 -10.67 -29.23
C ASN D 94 -7.02 -9.40 -28.41
N ALA D 95 -6.47 -8.28 -28.89
CA ALA D 95 -6.74 -6.94 -28.34
C ALA D 95 -8.27 -6.68 -28.22
N GLN D 96 -9.02 -7.14 -29.22
CA GLN D 96 -10.48 -6.97 -29.24
C GLN D 96 -11.16 -7.58 -28.02
N GLU D 97 -10.64 -8.67 -27.47
CA GLU D 97 -11.26 -9.27 -26.28
C GLU D 97 -11.16 -8.32 -25.05
N CYS D 98 -10.02 -7.67 -24.93
CA CYS D 98 -9.78 -6.69 -23.88
C CYS D 98 -10.64 -5.44 -24.10
N ILE D 99 -10.70 -4.97 -25.34
CA ILE D 99 -11.57 -3.83 -25.69
C ILE D 99 -13.03 -4.12 -25.36
N GLN D 100 -13.49 -5.35 -25.62
CA GLN D 100 -14.88 -5.70 -25.29
C GLN D 100 -15.09 -5.69 -23.77
N ASP D 101 -14.11 -6.14 -23.00
CA ASP D 101 -14.25 -6.11 -21.52
C ASP D 101 -14.39 -4.67 -21.00
N PHE D 102 -13.57 -3.76 -21.52
CA PHE D 102 -13.75 -2.33 -21.19
C PHE D 102 -15.16 -1.84 -21.55
N ASN D 103 -15.62 -2.14 -22.75
CA ASN D 103 -16.98 -1.78 -23.13
C ASN D 103 -18.05 -2.40 -22.26
N THR D 104 -17.87 -3.65 -21.85
CA THR D 104 -18.76 -4.29 -20.92
C THR D 104 -18.81 -3.52 -19.62
N MET D 105 -17.67 -3.17 -19.09
CA MET D 105 -17.59 -2.41 -17.85
C MET D 105 -18.38 -1.09 -17.97
N PHE D 106 -18.13 -0.32 -19.03
CA PHE D 106 -18.88 0.94 -19.20
C PHE D 106 -20.38 0.73 -19.37
N THR D 107 -20.76 -0.20 -20.23
CA THR D 107 -22.18 -0.41 -20.51
C THR D 107 -22.91 -0.95 -19.31
N ASN D 108 -22.25 -1.75 -18.46
CA ASN D 108 -22.86 -2.18 -17.21
C ASN D 108 -23.26 -1.01 -16.33
N CYS D 109 -22.36 -0.03 -16.26
CA CYS D 109 -22.58 1.17 -15.43
C CYS D 109 -23.78 1.95 -16.02
N TYR D 110 -23.85 2.05 -17.33
CA TYR D 110 -24.92 2.80 -17.93
C TYR D 110 -26.25 2.08 -17.77
N ILE D 111 -26.21 0.76 -17.78
CA ILE D 111 -27.39 -0.07 -17.54
C ILE D 111 -27.93 -0.02 -16.10
N TYR D 112 -27.05 -0.27 -15.13
CA TYR D 112 -27.43 -0.27 -13.75
C TYR D 112 -27.91 1.11 -13.22
N ASN D 113 -27.37 2.19 -13.79
CA ASN D 113 -27.59 3.55 -13.32
C ASN D 113 -28.37 4.34 -14.36
N LYS D 114 -28.51 5.65 -14.16
CA LYS D 114 -29.41 6.49 -14.98
C LYS D 114 -28.59 7.62 -15.58
N PRO D 115 -29.01 8.13 -16.75
CA PRO D 115 -28.26 9.24 -17.35
C PRO D 115 -28.03 10.42 -16.42
N GLY D 116 -26.81 10.96 -16.43
CA GLY D 116 -26.42 12.07 -15.56
C GLY D 116 -26.14 11.74 -14.09
N ASP D 117 -26.29 10.48 -13.67
CA ASP D 117 -25.95 10.06 -12.31
C ASP D 117 -24.45 10.22 -12.09
N ASP D 118 -24.06 10.40 -10.82
CA ASP D 118 -22.68 10.61 -10.46
C ASP D 118 -21.71 9.54 -11.02
N ILE D 119 -22.03 8.28 -10.80
CA ILE D 119 -21.16 7.15 -11.20
C ILE D 119 -21.08 7.07 -12.73
N VAL D 120 -22.18 7.43 -13.38
CA VAL D 120 -22.25 7.48 -14.84
C VAL D 120 -21.32 8.57 -15.41
N LEU D 121 -21.31 9.77 -14.82
CA LEU D 121 -20.37 10.80 -15.27
C LEU D 121 -18.91 10.38 -15.06
N MET D 122 -18.65 9.63 -13.99
CA MET D 122 -17.31 9.11 -13.74
C MET D 122 -16.92 8.11 -14.85
N ALA D 123 -17.83 7.16 -15.15
CA ALA D 123 -17.67 6.21 -16.26
C ALA D 123 -17.46 6.90 -17.61
N GLU D 124 -18.21 7.97 -17.85
CA GLU D 124 -18.09 8.72 -19.10
C GLU D 124 -16.71 9.36 -19.25
N ALA D 125 -16.16 9.90 -18.16
CA ALA D 125 -14.81 10.46 -18.15
C ALA D 125 -13.77 9.40 -18.53
N LEU D 126 -13.87 8.23 -17.89
CA LEU D 126 -12.96 7.11 -18.22
C LEU D 126 -13.14 6.64 -19.68
N GLU D 127 -14.39 6.50 -20.11
CA GLU D 127 -14.69 6.08 -21.48
C GLU D 127 -14.09 7.04 -22.53
N LYS D 128 -14.20 8.33 -22.26
CA LYS D 128 -13.68 9.33 -23.20
C LYS D 128 -12.18 9.10 -23.38
N LEU D 129 -11.48 8.93 -22.27
CA LEU D 129 -10.04 8.68 -22.30
C LEU D 129 -9.71 7.36 -22.99
N PHE D 130 -10.45 6.31 -22.63
CA PHE D 130 -10.31 5.01 -23.30
C PHE D 130 -10.42 5.15 -24.81
N LEU D 131 -11.48 5.81 -25.28
CA LEU D 131 -11.70 5.97 -26.72
C LEU D 131 -10.55 6.75 -27.41
N GLN D 132 -10.05 7.79 -26.77
CA GLN D 132 -8.92 8.53 -27.37
C GLN D 132 -7.71 7.60 -27.48
N LYS D 133 -7.45 6.81 -26.44
CA LYS D 133 -6.31 5.90 -26.47
C LYS D 133 -6.46 4.81 -27.52
N ILE D 134 -7.67 4.29 -27.69
CA ILE D 134 -7.91 3.24 -28.68
C ILE D 134 -7.77 3.78 -30.10
N ASN D 135 -8.14 5.05 -30.33
CA ASN D 135 -7.87 5.67 -31.65
C ASN D 135 -6.38 5.64 -32.05
N GLU D 136 -5.49 5.53 -31.05
CA GLU D 136 -4.05 5.46 -31.26
C GLU D 136 -3.44 4.07 -31.09
N LEU D 137 -4.28 3.05 -31.12
CA LEU D 137 -3.86 1.65 -31.03
C LEU D 137 -2.90 1.37 -32.19
N PRO D 138 -1.66 0.92 -31.88
CA PRO D 138 -0.72 0.71 -32.98
C PRO D 138 -1.18 -0.38 -33.95
N THR D 139 -0.83 -0.20 -35.22
CA THR D 139 -1.05 -1.21 -36.24
C THR D 139 -0.30 -2.48 -35.78
N GLU D 140 -0.88 -3.64 -36.05
CA GLU D 140 -0.29 -4.93 -35.69
C GLU D 140 1.06 -5.11 -36.39
N GLU D 141 2.04 -5.61 -35.66
CA GLU D 141 3.44 -5.58 -36.08
C GLU D 141 4.18 -6.78 -35.51
FAY JFU E . 7.95 0.52 0.65
CAT JFU E . 7.96 -0.33 1.69
CAU JFU E . 6.74 -0.81 2.18
CAV JFU E . 6.74 -1.68 3.25
FAZ JFU E . 5.58 -2.14 3.70
CAW JFU E . 7.95 -2.08 3.86
CAX JFU E . 9.13 -1.60 3.36
CAS JFU E . 9.14 -0.73 2.29
SAP JFU E . 10.71 -0.08 1.71
OAQ JFU E . 11.80 -0.78 2.51
OAR JFU E . 10.80 -0.27 0.20
NAO JFU E . 10.65 1.51 2.08
CAB JFU E . 10.39 1.99 3.31
CAC JFU E . 11.27 1.79 4.41
CAD JFU E . 10.95 2.32 5.65
CAE JFU E . 9.83 3.05 5.83
NAL JFU E . 9.28 3.69 6.88
CBG JFU E . 9.93 3.78 8.25
CBH JFU E . 9.46 2.66 9.10
CAK JFU E . 8.13 4.25 6.47
OAM JFU E . 7.40 4.95 7.22
CAG JFU E . 7.96 3.98 5.12
CAH JFU E . 7.05 4.26 4.16
CAF JFU E . 9.03 3.24 4.77
CAA JFU E . 9.25 2.77 3.52
NAJ JFU E . 8.32 3.06 2.55
CAI JFU E . 7.22 3.80 2.83
NAN JFU E . 6.32 4.03 1.82
CBA JFU E . 4.88 4.31 2.09
CBB JFU E . 4.28 5.06 0.92
NBC JFU E . 4.39 4.38 -0.40
CBF JFU E . 3.86 5.17 -1.52
CBD JFU E . 5.85 4.41 -0.62
CBE JFU E . 6.62 3.63 0.40
FAY JFU F . 4.33 -6.66 3.69
CAT JFU F . 5.18 -6.09 2.86
CAU JFU F . 4.85 -4.95 2.13
CAV JFU F . 5.77 -4.41 1.27
FAZ JFU F . 5.49 -3.36 0.55
CAW JFU F . 7.01 -4.96 1.14
CAX JFU F . 7.35 -6.09 1.86
CAS JFU F . 6.44 -6.66 2.71
SAP JFU F . 6.89 -8.12 3.58
OAQ JFU F . 8.32 -8.43 3.17
OAR JFU F . 6.71 -7.90 5.08
NAO JFU F . 5.91 -9.32 3.03
CAB JFU F . 5.95 -9.70 1.70
CAC JFU F . 7.06 -10.34 1.14
CAD JFU F . 7.03 -10.72 -0.22
CAE JFU F . 5.94 -10.46 -0.96
NAL JFU F . 5.64 -10.71 -2.26
CBG JFU F . 6.60 -11.36 -3.19
CBH JFU F . 7.46 -10.32 -3.91
CAK JFU F . 4.39 -10.25 -2.47
OAM JFU F . 3.81 -10.32 -3.57
CAG JFU F . 3.91 -9.70 -1.32
CAH JFU F . 2.77 -9.09 -0.90
CAF JFU F . 4.89 -9.87 -0.41
CAA JFU F . 4.82 -9.47 0.89
NAJ JFU F . 3.69 -8.85 1.31
CAI JFU F . 2.64 -8.67 0.47
NAN JFU F . 1.54 -8.03 0.98
CBA JFU F . 0.58 -7.36 0.14
CBB JFU F . -0.77 -7.28 0.81
NBC JFU F . -0.72 -6.54 2.07
CBF JFU F . -2.03 -6.39 2.67
CBD JFU F . 0.03 -7.48 2.95
CBE JFU F . 1.45 -7.74 2.43
FAY JFU G . -18.48 12.18 -7.38
CAT JFU G . -18.64 11.41 -6.41
CAU JFU G . -19.91 10.93 -6.12
CAV JFU G . -20.06 10.09 -5.05
FAZ JFU G . -21.21 9.64 -4.74
CAW JFU G . -18.98 9.71 -4.29
CAX JFU G . -17.71 10.19 -4.58
CAS JFU G . -17.56 11.05 -5.63
SAP JFU G . -16.00 11.70 -6.01
OAQ JFU G . -14.99 11.14 -5.03
OAR JFU G . -15.70 11.43 -7.49
NAO JFU G . -16.11 13.32 -5.71
CAB JFU G . -16.41 13.79 -4.46
CAC JFU G . -15.53 13.67 -3.36
CAD JFU G . -15.90 14.19 -2.12
CAE JFU G . -17.07 14.83 -1.95
NAL JFU G . -17.64 15.42 -0.89
CBG JFU G . -17.00 15.52 0.44
CBH JFU G . -17.39 14.32 1.33
CAK JFU G . -18.84 15.88 -1.30
OAM JFU G . -19.62 16.49 -0.53
CAG JFU G . -19.01 15.59 -2.62
CAH JFU G . -19.94 15.78 -3.57
CAF JFU G . -17.89 14.93 -2.99
CAA JFU G . -17.63 14.46 -4.24
NAJ JFU G . -18.57 14.66 -5.19
CAI JFU G . -19.72 15.33 -4.91
NAN JFU G . -20.62 15.47 -5.92
CBA JFU G . -22.03 15.69 -5.70
CBB JFU G . -22.69 16.37 -6.89
NBC JFU G . -22.56 15.60 -8.12
CBF JFU G . -23.11 16.23 -9.33
CBD JFU G . -21.10 15.66 -8.39
CBE JFU G . -20.25 15.03 -7.29
FAY JFU H . -22.04 5.01 -4.31
CAT JFU H . -21.04 5.49 -5.12
CAU JFU H . -21.31 6.54 -5.99
CAV JFU H . -20.31 7.02 -6.82
FAZ JFU H . -20.58 8.02 -7.64
CAW JFU H . -19.03 6.45 -6.79
CAX JFU H . -18.76 5.42 -5.92
CAS JFU H . -19.77 4.93 -5.10
SAP JFU H . -19.41 3.53 -4.03
OAQ JFU H . -17.95 3.22 -4.15
OAR JFU H . -19.87 3.83 -2.61
NAO JFU H . -20.35 2.28 -4.60
CAB JFU H . -20.27 1.87 -5.89
CAC JFU H . -19.11 1.27 -6.44
CAD JFU H . -19.10 0.90 -7.79
CAE JFU H . -20.22 1.05 -8.56
NAL JFU H . -20.52 0.74 -9.83
CBG JFU H . -19.57 0.01 -10.77
CBH JFU H . -18.77 1.00 -11.56
CAK JFU H . -21.81 1.13 -10.05
OAM JFU H . -22.42 0.95 -11.14
CAG JFU H . -22.32 1.66 -8.88
CAH JFU H . -23.49 2.19 -8.47
CAF JFU H . -21.30 1.58 -8.00
CAA JFU H . -21.41 2.00 -6.70
NAJ JFU H . -22.60 2.53 -6.28
CAI JFU H . -23.67 2.64 -7.13
NAN JFU H . -24.81 3.21 -6.66
CBA JFU H . -25.83 3.81 -7.55
CBB JFU H . -27.20 3.78 -6.88
NBC JFU H . -27.26 4.45 -5.56
CBF JFU H . -28.59 4.38 -5.01
CBD JFU H . -26.39 3.57 -4.75
CBE JFU H . -24.94 3.59 -5.22
#